data_4MKM
#
_entry.id   4MKM
#
_cell.length_a   48.188
_cell.length_b   63.448
_cell.length_c   104.984
_cell.angle_alpha   90.00
_cell.angle_beta   90.00
_cell.angle_gamma   90.00
#
_symmetry.space_group_name_H-M   'P 21 21 21'
#
loop_
_entity.id
_entity.type
_entity.pdbx_description
1 polymer 'Putative surface anchored protein'
2 non-polymer 'CALCIUM ION'
3 water water
#
_entity_poly.entity_id   1
_entity_poly.type   'polypeptide(L)'
_entity_poly.pdbx_seq_one_letter_code
;(MSE)PEVKEGTLKTTVAADGVNGSSEKEALVSFENSKDGVDVKDTIDYKDLVANEKYNLTGKL(MSE)HVKDDGSLEEV
ATKTTEVTAVENGSGQWELDFGNQKLQVGEKYVVFENAESVENLIDTDNNYELDTKQVVKHEDKNDKAQTLIVEKPNLPE
VKDGTLRTTVIADGVNGSSEKEALVSFENSKDGVDVKDTINYEGLVANQNYTLTGTL(MSE)HVKADGSLEEIATKTTNV
TAGENGNGTWGLDFGNQKLQVGEKYVVFENAESVENLIDTDKDYNLDTKQVVKHEDKNDKAQTLVVEKPILPEVKDGTLK
TTVIADGVNGSSEKEALVNFENSKDGVGQFYLNELEHHHHHH
;
_entity_poly.pdbx_strand_id   A
#
loop_
_chem_comp.id
_chem_comp.type
_chem_comp.name
_chem_comp.formula
CA non-polymer 'CALCIUM ION' 'Ca 2'
#
# COMPACT_ATOMS: atom_id res chain seq x y z
N GLU A 6 20.61 17.43 39.77
N GLU A 6 21.42 15.30 40.65
CA GLU A 6 20.73 15.99 39.58
CA GLU A 6 20.87 16.14 39.57
C GLU A 6 21.21 15.64 38.15
C GLU A 6 21.34 15.68 38.15
N GLY A 7 21.62 14.39 37.97
CA GLY A 7 22.05 13.87 36.68
C GLY A 7 20.93 13.85 35.65
N THR A 8 21.22 14.10 34.37
CA THR A 8 20.21 14.08 33.31
C THR A 8 20.69 13.35 32.08
N LEU A 9 19.72 12.84 31.29
CA LEU A 9 19.93 12.19 30.01
C LEU A 9 19.00 12.86 29.00
N LYS A 10 19.52 13.11 27.81
CA LYS A 10 18.81 13.58 26.61
C LYS A 10 19.18 12.54 25.57
N THR A 11 18.26 12.20 24.67
CA THR A 11 18.51 11.13 23.71
C THR A 11 18.10 11.55 22.29
N THR A 12 18.75 10.95 21.28
CA THR A 12 18.42 11.17 19.86
C THR A 12 18.50 9.82 19.13
N VAL A 13 17.38 9.35 18.64
CA VAL A 13 17.33 8.12 17.85
C VAL A 13 17.87 8.33 16.41
N ALA A 14 18.49 7.29 15.82
CA ALA A 14 18.89 7.20 14.41
C ALA A 14 18.19 5.93 13.88
N ALA A 15 17.32 6.05 12.85
CA ALA A 15 16.60 4.92 12.28
C ALA A 15 16.93 4.90 10.80
N ASP A 16 17.61 3.84 10.34
CA ASP A 16 18.13 3.71 8.97
C ASP A 16 18.84 5.01 8.52
N GLY A 17 19.63 5.57 9.43
CA GLY A 17 20.45 6.76 9.19
C GLY A 17 19.78 8.10 9.30
N VAL A 18 18.48 8.16 9.63
CA VAL A 18 17.75 9.41 9.81
C VAL A 18 17.61 9.67 11.34
N ASN A 19 17.93 10.89 11.79
CA ASN A 19 17.88 11.26 13.19
C ASN A 19 16.57 11.90 13.52
N GLY A 20 16.12 11.65 14.74
CA GLY A 20 14.94 12.34 15.27
C GLY A 20 15.43 13.67 15.78
N SER A 21 14.50 14.62 15.99
CA SER A 21 14.80 15.92 16.58
C SER A 21 13.59 16.31 17.42
N SER A 22 13.71 17.36 18.23
CA SER A 22 12.61 17.76 19.11
C SER A 22 11.37 18.22 18.33
N GLU A 23 11.55 18.72 17.09
CA GLU A 23 10.44 19.18 16.24
C GLU A 23 9.95 18.10 15.30
N LYS A 24 10.75 17.06 15.03
CA LYS A 24 10.32 16.03 14.06
C LYS A 24 10.91 14.66 14.38
N GLU A 25 10.03 13.65 14.31
CA GLU A 25 10.38 12.24 14.49
C GLU A 25 11.22 11.79 13.32
N ALA A 26 12.06 10.77 13.50
CA ALA A 26 12.84 10.23 12.42
C ALA A 26 11.87 9.49 11.45
N LEU A 27 11.80 9.90 10.19
CA LEU A 27 10.91 9.26 9.22
C LEU A 27 11.64 8.16 8.47
N VAL A 28 11.15 6.91 8.55
CA VAL A 28 11.75 5.80 7.82
C VAL A 28 10.92 5.58 6.56
N SER A 29 11.50 5.73 5.36
CA SER A 29 10.76 5.57 4.10
C SER A 29 10.20 4.16 3.98
N PHE A 30 9.09 4.00 3.27
CA PHE A 30 8.49 2.67 3.02
C PHE A 30 9.57 1.71 2.42
N GLU A 31 10.36 2.18 1.45
CA GLU A 31 11.42 1.37 0.80
C GLU A 31 12.42 0.82 1.81
N ASN A 32 12.90 1.69 2.71
CA ASN A 32 13.86 1.29 3.73
C ASN A 32 13.30 0.33 4.78
N SER A 33 11.99 0.36 5.05
CA SER A 33 11.40 -0.55 6.03
C SER A 33 11.40 -2.05 5.59
N LYS A 34 11.50 -2.33 4.28
CA LYS A 34 11.39 -3.68 3.68
C LYS A 34 12.39 -4.70 4.25
N ASP A 35 13.62 -4.28 4.54
CA ASP A 35 14.66 -5.18 5.08
C ASP A 35 14.85 -4.95 6.60
N GLY A 36 13.83 -4.40 7.28
CA GLY A 36 13.91 -4.05 8.69
C GLY A 36 14.48 -2.65 8.83
N VAL A 37 14.55 -2.13 10.07
CA VAL A 37 15.10 -0.79 10.37
C VAL A 37 16.28 -0.92 11.35
N ASP A 38 17.43 -0.30 11.03
CA ASP A 38 18.62 -0.28 11.88
C ASP A 38 18.40 0.85 12.87
N VAL A 39 18.24 0.53 14.15
CA VAL A 39 17.97 1.52 15.19
C VAL A 39 19.16 1.68 16.15
N LYS A 40 19.66 2.93 16.33
CA LYS A 40 20.67 3.31 17.31
C LYS A 40 20.19 4.50 18.04
N ASP A 41 20.72 4.71 19.22
CA ASP A 41 20.33 5.86 20.02
C ASP A 41 21.60 6.53 20.54
N THR A 42 21.65 7.87 20.51
CA THR A 42 22.75 8.63 21.05
C THR A 42 22.23 9.26 22.34
N ILE A 43 22.94 9.01 23.42
CA ILE A 43 22.58 9.46 24.75
C ILE A 43 23.55 10.54 25.18
N ASP A 44 23.02 11.74 25.48
CA ASP A 44 23.77 12.88 25.99
C ASP A 44 23.56 12.91 27.50
N TYR A 45 24.60 12.60 28.23
CA TYR A 45 24.51 12.59 29.70
C TYR A 45 25.19 13.82 30.29
N LYS A 46 24.61 14.31 31.39
CA LYS A 46 25.12 15.44 32.13
C LYS A 46 25.03 15.23 33.64
N ASP A 47 26.06 15.67 34.36
CA ASP A 47 26.15 15.62 35.80
C ASP A 47 26.13 14.22 36.37
N LEU A 48 26.86 13.32 35.70
CA LEU A 48 27.13 11.98 36.18
C LEU A 48 28.46 12.10 36.92
N VAL A 49 28.98 11.01 37.48
CA VAL A 49 30.21 11.03 38.29
C VAL A 49 31.36 10.61 37.43
N ALA A 50 32.37 11.47 37.35
CA ALA A 50 33.53 11.23 36.49
C ALA A 50 34.19 9.89 36.69
N ASN A 51 34.50 9.20 35.58
CA ASN A 51 35.16 7.89 35.52
C ASN A 51 34.40 6.71 36.16
N GLU A 52 33.14 6.91 36.52
CA GLU A 52 32.32 5.84 37.12
C GLU A 52 31.62 5.01 36.06
N LYS A 53 31.46 3.70 36.33
CA LYS A 53 30.74 2.80 35.43
C LYS A 53 29.21 2.83 35.70
N TYR A 54 28.40 2.79 34.63
CA TYR A 54 26.95 2.73 34.66
C TYR A 54 26.46 1.56 33.81
N ASN A 55 25.36 0.95 34.21
CA ASN A 55 24.68 -0.06 33.41
C ASN A 55 23.63 0.72 32.67
N LEU A 56 23.76 0.81 31.35
CA LEU A 56 22.83 1.55 30.50
C LEU A 56 21.88 0.57 29.87
N THR A 57 20.56 0.76 30.08
CA THR A 57 19.53 -0.07 29.49
C THR A 57 18.67 0.78 28.54
N GLY A 58 18.64 0.39 27.28
CA GLY A 58 17.79 1.00 26.24
C GLY A 58 16.65 0.07 25.88
N LYS A 59 15.47 0.65 25.58
CA LYS A 59 14.25 -0.07 25.19
C LYS A 59 13.61 0.64 24.00
N LEU A 60 13.23 -0.13 22.98
CA LEU A 60 12.55 0.38 21.80
C LEU A 60 11.08 0.02 22.02
N MSE A 61 10.26 1.06 22.27
CA MSE A 61 8.86 0.88 22.61
C MSE A 61 7.98 1.17 21.40
O MSE A 61 8.14 2.20 20.74
CB MSE A 61 8.44 1.85 23.75
CG MSE A 61 9.34 1.87 25.00
SE MSE A 61 9.44 0.11 25.84
CE MSE A 61 7.71 -0.02 26.64
N HIS A 62 6.96 0.33 21.21
CA HIS A 62 5.97 0.50 20.15
C HIS A 62 4.85 1.35 20.74
N VAL A 63 4.63 2.55 20.17
CA VAL A 63 3.59 3.47 20.60
C VAL A 63 2.34 3.01 19.85
N LYS A 64 1.64 2.02 20.43
CA LYS A 64 0.48 1.38 19.83
C LYS A 64 -0.74 2.32 19.71
N ASP A 65 -1.56 2.11 18.65
CA ASP A 65 -2.80 2.87 18.41
C ASP A 65 -3.80 2.70 19.55
N ASP A 66 -3.77 1.56 20.28
CA ASP A 66 -4.65 1.37 21.42
C ASP A 66 -4.27 2.15 22.70
N GLY A 67 -3.16 2.92 22.70
CA GLY A 67 -2.73 3.75 23.82
C GLY A 67 -1.66 3.16 24.73
N SER A 68 -1.27 1.92 24.46
CA SER A 68 -0.29 1.18 25.22
C SER A 68 1.10 1.30 24.59
N LEU A 69 2.13 1.06 25.41
CA LEU A 69 3.50 0.98 24.98
C LEU A 69 3.84 -0.48 25.12
N GLU A 70 4.45 -1.06 24.12
CA GLU A 70 4.85 -2.46 24.16
C GLU A 70 6.33 -2.51 23.80
N GLU A 71 7.11 -3.26 24.55
CA GLU A 71 8.53 -3.36 24.28
C GLU A 71 8.79 -4.28 23.09
N VAL A 72 9.61 -3.80 22.16
CA VAL A 72 10.01 -4.51 20.96
C VAL A 72 11.46 -4.95 20.96
N ALA A 73 12.35 -4.17 21.57
CA ALA A 73 13.76 -4.49 21.70
C ALA A 73 14.30 -3.91 23.01
N THR A 74 15.35 -4.51 23.54
CA THR A 74 16.03 -4.04 24.76
C THR A 74 17.50 -4.43 24.66
N LYS A 75 18.37 -3.54 25.13
CA LYS A 75 19.80 -3.80 25.15
C LYS A 75 20.34 -3.21 26.44
N THR A 76 21.19 -3.95 27.15
CA THR A 76 21.88 -3.47 28.38
C THR A 76 23.34 -3.56 28.12
N THR A 77 24.06 -2.49 28.48
CA THR A 77 25.50 -2.47 28.33
C THR A 77 26.14 -1.67 29.47
N GLU A 78 27.41 -1.92 29.68
CA GLU A 78 28.20 -1.22 30.68
C GLU A 78 28.93 -0.08 29.99
N VAL A 79 28.78 1.12 30.50
CA VAL A 79 29.37 2.31 29.92
C VAL A 79 30.08 3.05 31.03
N THR A 80 30.95 4.01 30.67
CA THR A 80 31.71 4.80 31.64
C THR A 80 31.55 6.28 31.36
N ALA A 81 31.31 7.05 32.42
CA ALA A 81 31.19 8.50 32.29
C ALA A 81 32.62 9.08 32.14
N VAL A 82 32.81 10.02 31.22
CA VAL A 82 34.13 10.64 31.02
C VAL A 82 34.49 11.65 32.15
N GLU A 83 35.72 12.22 32.08
CA GLU A 83 36.19 13.25 33.01
C GLU A 83 35.19 14.41 32.91
N ASN A 84 34.89 15.05 34.02
CA ASN A 84 33.90 16.13 34.15
C ASN A 84 32.43 15.70 34.09
N GLY A 85 32.14 14.40 33.97
CA GLY A 85 30.82 13.83 34.11
C GLY A 85 29.77 14.07 33.05
N SER A 86 30.11 14.68 31.91
CA SER A 86 29.16 14.96 30.84
C SER A 86 29.77 14.46 29.52
N GLY A 87 28.97 13.86 28.67
CA GLY A 87 29.47 13.31 27.41
C GLY A 87 28.38 12.63 26.63
N GLN A 88 28.75 11.70 25.76
CA GLN A 88 27.80 10.96 24.96
C GLN A 88 28.14 9.47 24.92
N TRP A 89 27.08 8.65 24.94
CA TRP A 89 27.12 7.22 24.76
C TRP A 89 26.23 6.88 23.53
N GLU A 90 26.48 5.74 22.92
CA GLU A 90 25.69 5.23 21.79
C GLU A 90 25.25 3.82 22.14
N LEU A 91 23.98 3.53 21.96
CA LEU A 91 23.43 2.20 22.17
C LEU A 91 22.88 1.77 20.80
N ASP A 92 23.17 0.53 20.39
CA ASP A 92 22.76 -0.01 19.10
C ASP A 92 21.81 -1.20 19.29
N PHE A 93 20.57 -1.07 18.78
CA PHE A 93 19.60 -2.16 18.80
C PHE A 93 19.72 -3.10 17.60
N GLY A 94 20.49 -2.72 16.59
CA GLY A 94 20.62 -3.49 15.37
C GLY A 94 19.36 -3.47 14.52
N ASN A 95 19.23 -4.43 13.61
CA ASN A 95 18.07 -4.52 12.73
C ASN A 95 16.79 -4.96 13.46
N GLN A 96 15.70 -4.18 13.30
CA GLN A 96 14.39 -4.46 13.92
C GLN A 96 13.33 -4.53 12.85
N LYS A 97 12.45 -5.54 12.91
CA LYS A 97 11.35 -5.69 11.94
C LYS A 97 10.20 -4.82 12.42
N LEU A 98 10.28 -3.54 12.10
CA LEU A 98 9.28 -2.54 12.51
C LEU A 98 8.13 -2.50 11.49
N GLN A 99 6.89 -2.31 11.98
CA GLN A 99 5.67 -2.37 11.19
C GLN A 99 5.40 -1.05 10.48
N VAL A 100 4.95 -1.16 9.23
CA VAL A 100 4.64 -0.04 8.37
C VAL A 100 3.48 0.76 8.98
N GLY A 101 3.60 2.08 8.98
CA GLY A 101 2.60 2.96 9.56
C GLY A 101 2.67 3.11 11.09
N GLU A 102 3.62 2.43 11.78
CA GLU A 102 3.74 2.48 13.24
C GLU A 102 4.85 3.40 13.75
N LYS A 103 4.67 3.87 14.98
CA LYS A 103 5.58 4.80 15.64
C LYS A 103 6.28 4.09 16.78
N TYR A 104 7.58 4.31 16.93
CA TYR A 104 8.37 3.70 17.98
C TYR A 104 9.20 4.78 18.71
N VAL A 105 9.43 4.60 20.03
CA VAL A 105 10.16 5.57 20.84
C VAL A 105 11.21 4.84 21.67
N VAL A 106 12.37 5.47 21.82
CA VAL A 106 13.48 4.96 22.60
C VAL A 106 13.42 5.49 24.03
N PHE A 107 13.48 4.56 25.01
CA PHE A 107 13.58 4.85 26.47
C PHE A 107 15.00 4.50 26.93
N GLU A 108 15.61 5.30 27.79
CA GLU A 108 16.97 5.02 28.32
C GLU A 108 16.96 5.14 29.86
N ASN A 109 17.70 4.24 30.49
CA ASN A 109 17.88 4.18 31.94
C ASN A 109 19.37 3.87 32.23
N ALA A 110 20.02 4.69 33.07
CA ALA A 110 21.41 4.50 33.42
C ALA A 110 21.43 4.39 34.95
N GLU A 111 22.03 3.34 35.45
CA GLU A 111 22.15 3.10 36.90
C GLU A 111 23.61 2.86 37.22
N SER A 112 24.17 3.61 38.18
CA SER A 112 25.61 3.41 38.51
C SER A 112 25.89 2.03 39.04
N VAL A 113 27.05 1.51 38.70
CA VAL A 113 27.49 0.23 39.22
C VAL A 113 27.79 0.38 40.74
N GLU A 114 28.44 1.50 41.15
CA GLU A 114 28.81 1.75 42.55
C GLU A 114 27.81 2.66 43.25
N ASN A 115 27.85 2.68 44.61
CA ASN A 115 27.04 3.62 45.40
C ASN A 115 27.77 4.97 45.25
N LEU A 116 27.05 5.98 44.74
CA LEU A 116 27.61 7.31 44.49
C LEU A 116 26.93 8.42 45.25
N ILE A 117 25.78 8.12 45.86
CA ILE A 117 25.01 9.13 46.60
C ILE A 117 24.95 8.80 48.08
N ASP A 118 25.14 9.84 48.90
CA ASP A 118 24.98 9.82 50.33
C ASP A 118 23.61 10.42 50.63
N THR A 119 22.66 9.61 51.10
CA THR A 119 21.28 10.03 51.42
C THR A 119 21.01 10.31 52.91
N ASP A 120 22.01 10.13 53.81
CA ASP A 120 21.83 10.34 55.26
C ASP A 120 22.91 11.20 55.92
N ASN A 121 23.64 12.02 55.13
CA ASN A 121 24.65 12.96 55.63
C ASN A 121 25.71 12.41 56.62
N ASN A 122 26.31 11.23 56.32
CA ASN A 122 27.39 10.65 57.13
C ASN A 122 28.69 10.48 56.31
N TYR A 123 28.76 11.01 55.08
CA TYR A 123 29.88 10.92 54.14
C TYR A 123 30.10 9.48 53.61
N GLU A 124 29.24 8.52 53.96
CA GLU A 124 29.40 7.16 53.49
C GLU A 124 28.32 7.02 52.40
N LEU A 125 28.75 6.71 51.18
CA LEU A 125 27.87 6.58 50.04
C LEU A 125 26.99 5.31 50.16
N ASP A 126 25.67 5.42 49.98
CA ASP A 126 24.70 4.32 50.22
C ASP A 126 23.67 3.99 49.13
N THR A 127 23.60 4.78 48.06
CA THR A 127 22.62 4.59 46.99
C THR A 127 23.25 4.89 45.62
N LYS A 128 22.84 4.09 44.61
CA LYS A 128 23.29 4.20 43.21
C LYS A 128 22.75 5.49 42.61
N GLN A 129 23.42 6.04 41.59
CA GLN A 129 22.91 7.20 40.87
C GLN A 129 22.12 6.58 39.73
N VAL A 130 20.81 6.86 39.67
CA VAL A 130 19.87 6.38 38.66
C VAL A 130 19.37 7.59 37.85
N VAL A 131 19.56 7.55 36.51
CA VAL A 131 19.12 8.63 35.62
CA VAL A 131 19.09 8.62 35.63
C VAL A 131 18.38 7.97 34.46
N LYS A 132 17.25 8.51 34.09
CA LYS A 132 16.46 7.98 32.98
C LYS A 132 15.81 9.03 32.13
N HIS A 133 15.43 8.60 30.93
CA HIS A 133 14.72 9.43 29.98
C HIS A 133 13.73 8.50 29.31
N GLU A 134 12.54 8.51 29.82
CA GLU A 134 11.45 7.64 29.34
C GLU A 134 10.30 8.49 28.99
N ASP A 135 10.41 9.21 27.89
CA ASP A 135 9.36 10.14 27.43
C ASP A 135 8.77 9.69 26.06
N LYS A 136 7.51 9.18 26.07
CA LYS A 136 6.85 8.75 24.85
C LYS A 136 6.55 9.90 23.90
N ASN A 137 6.56 11.15 24.39
CA ASN A 137 6.27 12.32 23.57
C ASN A 137 7.54 13.02 23.06
N ASP A 138 8.73 12.49 23.34
CA ASP A 138 9.95 13.17 22.92
C ASP A 138 10.21 12.80 21.47
N LYS A 139 10.00 13.75 20.57
CA LYS A 139 10.18 13.47 19.13
C LYS A 139 11.62 13.14 18.77
N ALA A 140 12.61 13.62 19.57
CA ALA A 140 14.06 13.33 19.32
C ALA A 140 14.33 11.82 19.45
N GLN A 141 13.51 11.13 20.27
CA GLN A 141 13.64 9.66 20.52
C GLN A 141 12.69 8.80 19.68
N THR A 142 11.89 9.42 18.80
CA THR A 142 10.83 8.77 18.08
C THR A 142 11.14 8.61 16.63
N LEU A 143 10.65 7.49 16.06
CA LEU A 143 10.71 7.22 14.62
C LEU A 143 9.31 6.82 14.14
N ILE A 144 9.00 7.05 12.89
CA ILE A 144 7.73 6.65 12.28
C ILE A 144 8.06 5.95 10.98
N VAL A 145 7.48 4.76 10.75
CA VAL A 145 7.69 3.98 9.53
C VAL A 145 6.63 4.48 8.53
N GLU A 146 7.06 5.18 7.49
CA GLU A 146 6.15 5.72 6.50
C GLU A 146 5.34 4.64 5.74
N LYS A 147 4.11 4.99 5.39
CA LYS A 147 3.21 4.13 4.62
C LYS A 147 3.45 4.36 3.10
N PRO A 148 3.29 3.34 2.24
CA PRO A 148 3.37 3.60 0.79
C PRO A 148 2.20 4.43 0.31
N ASN A 149 2.36 5.09 -0.83
CA ASN A 149 1.27 5.82 -1.45
C ASN A 149 0.58 4.79 -2.36
N LEU A 150 -0.56 4.24 -1.90
CA LEU A 150 -1.28 3.19 -2.63
C LEU A 150 -2.27 3.80 -3.60
N PRO A 151 -2.56 3.14 -4.73
CA PRO A 151 -3.47 3.75 -5.72
C PRO A 151 -4.89 3.98 -5.22
N GLU A 152 -5.44 5.18 -5.52
CA GLU A 152 -6.81 5.57 -5.15
C GLU A 152 -7.77 4.75 -5.99
N VAL A 153 -8.09 3.52 -5.54
CA VAL A 153 -8.97 2.64 -6.30
C VAL A 153 -10.45 3.05 -6.11
N LYS A 154 -11.08 3.48 -7.21
CA LYS A 154 -12.49 3.87 -7.28
C LYS A 154 -13.29 2.67 -7.72
N ASP A 155 -14.62 2.78 -7.72
CA ASP A 155 -15.48 1.73 -8.24
C ASP A 155 -15.40 1.85 -9.79
N GLY A 156 -14.65 0.95 -10.39
CA GLY A 156 -14.50 0.87 -11.83
C GLY A 156 -15.79 0.52 -12.53
N THR A 157 -16.00 1.09 -13.73
CA THR A 157 -17.18 0.79 -14.54
C THR A 157 -16.75 0.73 -15.99
N LEU A 158 -17.47 -0.11 -16.75
CA LEU A 158 -17.35 -0.27 -18.19
C LEU A 158 -18.72 -0.07 -18.81
N ARG A 159 -18.78 0.76 -19.82
CA ARG A 159 -19.95 1.01 -20.68
C ARG A 159 -19.45 0.57 -22.05
N THR A 160 -20.26 -0.17 -22.82
CA THR A 160 -19.85 -0.67 -24.14
C THR A 160 -20.86 -0.40 -25.25
N THR A 161 -20.33 -0.30 -26.49
CA THR A 161 -21.09 -0.08 -27.72
C THR A 161 -20.48 -1.00 -28.80
N VAL A 162 -21.26 -1.96 -29.26
CA VAL A 162 -20.84 -2.85 -30.37
C VAL A 162 -20.97 -2.09 -31.71
N ILE A 163 -20.09 -2.36 -32.66
CA ILE A 163 -20.17 -1.86 -34.05
C ILE A 163 -20.22 -3.10 -34.93
N ALA A 164 -21.32 -3.31 -35.68
CA ALA A 164 -21.53 -4.51 -36.50
C ALA A 164 -21.74 -4.08 -37.99
N ASP A 165 -20.75 -4.42 -38.89
CA ASP A 165 -20.75 -4.02 -40.30
C ASP A 165 -20.97 -2.49 -40.41
N GLY A 166 -20.21 -1.74 -39.58
CA GLY A 166 -20.22 -0.28 -39.51
C GLY A 166 -21.43 0.35 -38.82
N VAL A 167 -22.35 -0.44 -38.27
CA VAL A 167 -23.52 0.09 -37.55
C VAL A 167 -23.32 0.00 -36.02
N ASN A 168 -23.52 1.12 -35.29
CA ASN A 168 -23.42 1.19 -33.80
C ASN A 168 -24.68 0.65 -33.16
N GLY A 169 -24.49 -0.05 -32.04
CA GLY A 169 -25.57 -0.43 -31.15
C GLY A 169 -25.90 0.80 -30.33
N SER A 170 -27.05 0.80 -29.67
CA SER A 170 -27.48 1.90 -28.81
C SER A 170 -28.35 1.32 -27.71
N SER A 171 -28.59 2.08 -26.64
CA SER A 171 -29.42 1.60 -25.53
C SER A 171 -30.86 1.39 -25.99
N GLU A 172 -31.29 2.19 -26.96
CA GLU A 172 -32.63 2.15 -27.55
C GLU A 172 -32.78 1.05 -28.61
N LYS A 173 -31.72 0.71 -29.36
CA LYS A 173 -31.83 -0.29 -30.40
C LYS A 173 -30.53 -1.02 -30.69
N GLU A 174 -30.63 -2.31 -30.94
CA GLU A 174 -29.49 -3.17 -31.28
C GLU A 174 -28.92 -2.74 -32.64
N ALA A 175 -27.63 -3.03 -32.89
CA ALA A 175 -27.02 -2.80 -34.19
C ALA A 175 -27.70 -3.75 -35.23
N LEU A 176 -28.48 -3.21 -36.15
CA LEU A 176 -29.16 -4.03 -37.18
C LEU A 176 -28.27 -4.23 -38.40
N VAL A 177 -27.93 -5.47 -38.68
CA VAL A 177 -27.09 -5.85 -39.83
C VAL A 177 -28.04 -6.37 -40.92
N SER A 178 -28.15 -5.64 -42.03
CA SER A 178 -28.99 -6.08 -43.17
C SER A 178 -28.53 -7.43 -43.70
N PHE A 179 -29.44 -8.17 -44.40
CA PHE A 179 -29.11 -9.46 -45.01
C PHE A 179 -27.95 -9.29 -46.02
N GLU A 180 -28.01 -8.22 -46.85
CA GLU A 180 -26.95 -7.89 -47.82
C GLU A 180 -25.59 -7.80 -47.09
N ASN A 181 -25.55 -7.05 -46.01
CA ASN A 181 -24.35 -6.92 -45.19
C ASN A 181 -23.85 -8.27 -44.65
N SER A 182 -24.77 -9.16 -44.21
CA SER A 182 -24.35 -10.46 -43.67
C SER A 182 -23.69 -11.45 -44.63
N LYS A 183 -24.01 -11.39 -45.94
CA LYS A 183 -23.55 -12.34 -46.98
C LYS A 183 -22.03 -12.63 -46.97
N ASP A 184 -21.21 -11.60 -46.73
CA ASP A 184 -19.74 -11.73 -46.65
C ASP A 184 -19.20 -11.72 -45.19
N GLY A 185 -20.03 -12.17 -44.23
CA GLY A 185 -19.66 -12.17 -42.82
C GLY A 185 -19.94 -10.80 -42.19
N VAL A 186 -19.79 -10.71 -40.86
CA VAL A 186 -20.08 -9.49 -40.13
C VAL A 186 -18.83 -9.04 -39.41
N ASP A 187 -18.34 -7.84 -39.72
CA ASP A 187 -17.18 -7.29 -39.05
C ASP A 187 -17.69 -6.79 -37.71
N VAL A 188 -17.18 -7.35 -36.60
CA VAL A 188 -17.67 -6.96 -35.28
C VAL A 188 -16.54 -6.41 -34.45
N LYS A 189 -16.73 -5.19 -33.90
CA LYS A 189 -15.78 -4.57 -33.02
C LYS A 189 -16.57 -4.00 -31.83
N ASP A 190 -15.88 -3.68 -30.77
CA ASP A 190 -16.56 -3.16 -29.57
C ASP A 190 -15.82 -1.95 -29.03
N THR A 191 -16.57 -0.88 -28.66
CA THR A 191 -16.02 0.32 -28.02
C THR A 191 -16.28 0.15 -26.54
N ILE A 192 -15.23 0.29 -25.71
CA ILE A 192 -15.29 0.14 -24.26
C ILE A 192 -14.94 1.47 -23.61
N ASN A 193 -15.94 2.09 -22.96
CA ASN A 193 -15.78 3.34 -22.23
C ASN A 193 -15.62 2.96 -20.76
N TYR A 194 -14.44 3.18 -20.22
CA TYR A 194 -14.10 2.87 -18.84
C TYR A 194 -13.95 4.15 -17.98
N GLU A 195 -14.18 3.96 -16.68
CA GLU A 195 -14.07 4.99 -15.67
C GLU A 195 -13.69 4.34 -14.35
N GLY A 196 -12.97 5.09 -13.51
CA GLY A 196 -12.58 4.62 -12.20
C GLY A 196 -11.54 3.53 -12.16
N LEU A 197 -10.72 3.41 -13.21
CA LEU A 197 -9.60 2.47 -13.22
C LEU A 197 -8.37 3.22 -12.66
N VAL A 198 -7.17 2.59 -12.66
CA VAL A 198 -5.97 3.20 -12.12
C VAL A 198 -5.13 3.75 -13.25
N ALA A 199 -5.00 5.07 -13.30
CA ALA A 199 -4.23 5.76 -14.34
C ALA A 199 -2.90 5.10 -14.62
N ASN A 200 -2.61 4.86 -15.89
CA ASN A 200 -1.37 4.29 -16.41
C ASN A 200 -1.07 2.84 -16.09
N GLN A 201 -2.03 2.12 -15.47
CA GLN A 201 -1.85 0.71 -15.19
C GLN A 201 -2.29 -0.11 -16.36
N ASN A 202 -1.67 -1.29 -16.51
CA ASN A 202 -2.02 -2.22 -17.58
C ASN A 202 -3.17 -3.13 -17.14
N TYR A 203 -4.02 -3.52 -18.11
CA TYR A 203 -5.17 -4.40 -17.88
C TYR A 203 -5.24 -5.42 -18.99
N THR A 204 -5.72 -6.62 -18.67
CA THR A 204 -5.99 -7.66 -19.66
C THR A 204 -7.47 -7.52 -19.96
N LEU A 205 -7.83 -7.12 -21.21
CA LEU A 205 -9.22 -6.95 -21.64
C LEU A 205 -9.63 -8.18 -22.44
N THR A 206 -10.64 -8.92 -21.97
CA THR A 206 -11.10 -10.11 -22.67
C THR A 206 -12.52 -9.84 -23.08
N GLY A 207 -12.75 -9.78 -24.38
CA GLY A 207 -14.05 -9.58 -24.99
C GLY A 207 -14.51 -10.94 -25.46
N THR A 208 -15.79 -11.24 -25.27
N THR A 208 -15.79 -11.20 -25.29
CA THR A 208 -16.37 -12.51 -25.68
CA THR A 208 -16.41 -12.46 -25.67
C THR A 208 -17.67 -12.21 -26.41
C THR A 208 -17.66 -12.13 -26.45
N LEU A 209 -17.75 -12.63 -27.67
CA LEU A 209 -18.94 -12.46 -28.52
C LEU A 209 -19.83 -13.70 -28.28
N MSE A 210 -21.01 -13.46 -27.74
CA MSE A 210 -21.94 -14.50 -27.35
C MSE A 210 -23.09 -14.61 -28.33
O MSE A 210 -23.67 -13.60 -28.71
CB MSE A 210 -22.56 -14.14 -26.00
CG MSE A 210 -21.51 -13.93 -24.87
SE MSE A 210 -20.63 -15.64 -24.44
CE MSE A 210 -21.52 -15.92 -22.73
N HIS A 211 -23.48 -15.84 -28.65
CA HIS A 211 -24.68 -16.11 -29.43
C HIS A 211 -25.80 -16.18 -28.37
N VAL A 212 -26.79 -15.26 -28.40
CA VAL A 212 -27.94 -15.31 -27.51
C VAL A 212 -29.04 -16.07 -28.33
N LYS A 213 -29.25 -17.34 -28.03
CA LYS A 213 -30.25 -18.16 -28.73
C LYS A 213 -31.68 -17.77 -28.26
N ALA A 214 -32.68 -18.13 -29.08
CA ALA A 214 -34.11 -17.84 -28.80
C ALA A 214 -34.65 -18.37 -27.47
N ASP A 215 -33.94 -19.32 -26.82
CA ASP A 215 -34.31 -19.79 -25.48
C ASP A 215 -33.64 -18.94 -24.35
N GLY A 216 -32.86 -17.91 -24.75
CA GLY A 216 -32.11 -17.06 -23.82
C GLY A 216 -30.74 -17.60 -23.44
N SER A 217 -30.38 -18.81 -23.86
CA SER A 217 -29.11 -19.43 -23.49
C SER A 217 -27.96 -18.75 -24.23
N LEU A 218 -26.75 -18.85 -23.68
CA LEU A 218 -25.59 -18.21 -24.25
C LEU A 218 -24.63 -19.24 -24.79
N GLU A 219 -23.90 -18.85 -25.82
CA GLU A 219 -22.83 -19.67 -26.38
C GLU A 219 -21.71 -18.78 -26.91
N GLU A 220 -20.50 -19.00 -26.42
CA GLU A 220 -19.30 -18.29 -26.90
C GLU A 220 -19.01 -18.58 -28.41
N ILE A 221 -19.12 -17.53 -29.28
CA ILE A 221 -18.85 -17.57 -30.74
C ILE A 221 -17.38 -17.22 -30.96
N ALA A 222 -16.92 -16.15 -30.29
CA ALA A 222 -15.53 -15.71 -30.40
C ALA A 222 -15.07 -15.10 -29.09
N THR A 223 -13.75 -15.00 -28.93
CA THR A 223 -13.11 -14.38 -27.82
C THR A 223 -11.78 -13.86 -28.28
N LYS A 224 -11.42 -12.67 -27.78
CA LYS A 224 -10.12 -12.05 -28.09
C LYS A 224 -9.63 -11.48 -26.76
N THR A 225 -8.31 -11.47 -26.52
CA THR A 225 -7.74 -10.97 -25.27
C THR A 225 -6.58 -10.08 -25.62
N THR A 226 -6.66 -8.80 -25.24
CA THR A 226 -5.63 -7.83 -25.56
C THR A 226 -5.14 -7.16 -24.29
N ASN A 227 -3.92 -6.62 -24.35
CA ASN A 227 -3.32 -5.87 -23.27
C ASN A 227 -3.58 -4.38 -23.59
N VAL A 228 -4.12 -3.67 -22.61
CA VAL A 228 -4.54 -2.28 -22.72
C VAL A 228 -4.02 -1.54 -21.48
N THR A 229 -3.91 -0.21 -21.58
CA THR A 229 -3.42 0.63 -20.51
C THR A 229 -4.46 1.69 -20.25
N ALA A 230 -4.77 1.91 -18.98
CA ALA A 230 -5.74 2.92 -18.60
C ALA A 230 -5.08 4.27 -18.82
N GLY A 231 -5.86 5.24 -19.25
CA GLY A 231 -5.37 6.59 -19.50
C GLY A 231 -5.40 7.50 -18.29
N GLU A 232 -5.35 8.80 -18.57
CA GLU A 232 -5.38 9.89 -17.59
C GLU A 232 -6.60 9.76 -16.70
N ASN A 233 -6.37 9.86 -15.38
CA ASN A 233 -7.40 9.74 -14.35
C ASN A 233 -8.14 8.37 -14.33
N GLY A 234 -7.58 7.37 -15.01
CA GLY A 234 -8.22 6.06 -15.09
C GLY A 234 -9.53 6.00 -15.84
N ASN A 235 -9.76 6.98 -16.77
CA ASN A 235 -10.95 7.07 -17.61
C ASN A 235 -10.50 7.15 -19.07
N GLY A 236 -11.31 6.60 -19.96
CA GLY A 236 -10.97 6.60 -21.39
C GLY A 236 -11.76 5.60 -22.19
N THR A 237 -11.21 5.26 -23.34
CA THR A 237 -11.80 4.40 -24.35
C THR A 237 -10.80 3.39 -24.86
N TRP A 238 -11.21 2.12 -24.95
CA TRP A 238 -10.48 1.02 -25.53
C TRP A 238 -11.36 0.42 -26.64
N GLY A 239 -10.73 -0.42 -27.46
CA GLY A 239 -11.37 -1.15 -28.55
C GLY A 239 -10.94 -2.59 -28.58
N LEU A 240 -11.84 -3.44 -29.04
CA LEU A 240 -11.61 -4.87 -29.23
C LEU A 240 -12.25 -5.28 -30.57
N ASP A 241 -11.44 -5.70 -31.52
CA ASP A 241 -11.89 -6.05 -32.85
C ASP A 241 -11.91 -7.55 -33.00
N PHE A 242 -13.10 -8.13 -33.06
CA PHE A 242 -13.26 -9.58 -33.21
C PHE A 242 -12.99 -10.02 -34.67
N GLY A 243 -12.99 -9.09 -35.61
CA GLY A 243 -12.76 -9.37 -37.03
C GLY A 243 -14.04 -9.82 -37.71
N ASN A 244 -13.89 -10.51 -38.85
CA ASN A 244 -15.03 -10.96 -39.65
C ASN A 244 -15.62 -12.22 -39.04
N GLN A 245 -16.92 -12.18 -38.70
CA GLN A 245 -17.61 -13.30 -38.04
C GLN A 245 -18.66 -13.87 -38.94
N LYS A 246 -18.76 -15.22 -39.01
CA LYS A 246 -19.74 -15.90 -39.86
C LYS A 246 -21.03 -16.12 -39.06
N LEU A 247 -21.74 -15.03 -38.87
CA LEU A 247 -22.97 -15.00 -38.10
C LEU A 247 -24.15 -15.49 -38.85
N GLN A 248 -25.07 -16.11 -38.12
CA GLN A 248 -26.27 -16.73 -38.70
C GLN A 248 -27.38 -15.70 -38.87
N VAL A 249 -28.09 -15.76 -40.01
CA VAL A 249 -29.22 -14.88 -40.29
C VAL A 249 -30.37 -15.09 -39.26
N GLY A 250 -30.96 -13.99 -38.80
CA GLY A 250 -32.05 -13.99 -37.83
C GLY A 250 -31.60 -14.09 -36.39
N GLU A 251 -30.28 -14.32 -36.13
CA GLU A 251 -29.77 -14.49 -34.78
C GLU A 251 -29.22 -13.23 -34.17
N LYS A 252 -29.19 -13.25 -32.84
CA LYS A 252 -28.75 -12.16 -32.00
C LYS A 252 -27.43 -12.55 -31.33
N TYR A 253 -26.53 -11.58 -31.23
CA TYR A 253 -25.26 -11.72 -30.57
C TYR A 253 -25.01 -10.51 -29.68
N VAL A 254 -24.25 -10.72 -28.62
CA VAL A 254 -23.98 -9.68 -27.64
C VAL A 254 -22.53 -9.78 -27.19
N VAL A 255 -21.95 -8.62 -26.93
CA VAL A 255 -20.58 -8.49 -26.49
C VAL A 255 -20.53 -8.34 -24.98
N PHE A 256 -19.70 -9.19 -24.39
CA PHE A 256 -19.35 -9.19 -22.97
C PHE A 256 -17.92 -8.67 -22.90
N GLU A 257 -17.60 -7.96 -21.81
CA GLU A 257 -16.29 -7.42 -21.60
C GLU A 257 -15.91 -7.61 -20.10
N ASN A 258 -14.67 -8.04 -19.90
CA ASN A 258 -14.02 -8.25 -18.60
C ASN A 258 -12.66 -7.56 -18.67
N ALA A 259 -12.33 -6.69 -17.70
CA ALA A 259 -11.03 -6.04 -17.64
C ALA A 259 -10.44 -6.37 -16.25
N GLU A 260 -9.24 -6.95 -16.23
CA GLU A 260 -8.54 -7.36 -15.01
C GLU A 260 -7.19 -6.70 -14.97
N SER A 261 -6.87 -6.02 -13.84
CA SER A 261 -5.57 -5.39 -13.77
C SER A 261 -4.47 -6.47 -13.86
N VAL A 262 -3.42 -6.17 -14.60
CA VAL A 262 -2.28 -7.09 -14.75
C VAL A 262 -1.60 -7.28 -13.37
N GLU A 263 -1.57 -6.21 -12.52
CA GLU A 263 -0.96 -6.25 -11.20
C GLU A 263 -1.97 -6.13 -10.09
N ASN A 264 -1.55 -6.46 -8.86
CA ASN A 264 -2.37 -6.27 -7.68
C ASN A 264 -2.38 -4.74 -7.42
N LEU A 265 -3.58 -4.15 -7.30
CA LEU A 265 -3.75 -2.72 -7.07
C LEU A 265 -4.49 -2.40 -5.80
N ILE A 266 -5.00 -3.41 -5.07
CA ILE A 266 -5.77 -3.18 -3.85
C ILE A 266 -5.17 -3.95 -2.68
N ASP A 267 -5.14 -3.30 -1.54
CA ASP A 267 -4.73 -3.88 -0.24
C ASP A 267 -6.05 -4.09 0.51
N THR A 268 -6.45 -5.34 0.65
CA THR A 268 -7.71 -5.72 1.32
C THR A 268 -7.54 -6.31 2.71
N ASP A 269 -6.31 -6.42 3.25
CA ASP A 269 -6.06 -6.98 4.58
C ASP A 269 -5.27 -6.05 5.50
N LYS A 270 -5.20 -4.74 5.19
CA LYS A 270 -4.54 -3.73 6.02
C LYS A 270 -3.03 -3.95 6.40
N ASP A 271 -2.24 -4.64 5.56
CA ASP A 271 -0.80 -4.87 5.78
C ASP A 271 0.07 -3.96 4.89
N TYR A 272 -0.55 -3.04 4.11
CA TYR A 272 0.14 -2.15 3.15
C TYR A 272 0.79 -2.82 1.93
N ASN A 273 0.60 -4.14 1.76
CA ASN A 273 1.06 -4.89 0.60
C ASN A 273 -0.17 -5.15 -0.25
N LEU A 274 -0.08 -4.81 -1.56
CA LEU A 274 -1.16 -4.95 -2.56
C LEU A 274 -1.34 -6.43 -2.88
N ASP A 275 -2.58 -6.92 -2.72
CA ASP A 275 -2.94 -8.35 -2.83
C ASP A 275 -4.14 -8.71 -3.76
N THR A 276 -4.91 -7.72 -4.28
CA THR A 276 -6.09 -8.00 -5.09
C THR A 276 -6.05 -7.17 -6.40
N LYS A 277 -6.40 -7.79 -7.51
CA LYS A 277 -6.47 -7.08 -8.82
C LYS A 277 -7.80 -6.34 -8.92
N GLN A 278 -7.83 -5.25 -9.68
CA GLN A 278 -9.11 -4.55 -9.93
C GLN A 278 -9.78 -5.29 -11.09
N VAL A 279 -11.01 -5.78 -10.91
CA VAL A 279 -11.75 -6.51 -11.92
C VAL A 279 -12.99 -5.72 -12.20
N VAL A 280 -13.25 -5.46 -13.47
CA VAL A 280 -14.43 -4.70 -13.88
C VAL A 280 -15.01 -5.48 -15.06
N LYS A 281 -16.31 -5.71 -15.05
CA LYS A 281 -16.95 -6.47 -16.12
C LYS A 281 -18.25 -5.86 -16.51
N HIS A 282 -18.66 -6.16 -17.76
CA HIS A 282 -19.94 -5.73 -18.30
C HIS A 282 -20.45 -6.93 -19.08
N GLU A 283 -21.27 -7.73 -18.43
CA GLU A 283 -21.79 -9.01 -18.89
C GLU A 283 -23.30 -8.99 -18.83
N ASP A 284 -23.92 -8.19 -19.71
CA ASP A 284 -25.35 -7.97 -19.74
C ASP A 284 -25.92 -8.43 -21.09
N LYS A 285 -26.61 -9.60 -21.09
CA LYS A 285 -27.17 -10.18 -22.32
C LYS A 285 -28.34 -9.38 -22.89
N ASN A 286 -28.88 -8.41 -22.08
CA ASN A 286 -29.97 -7.51 -22.46
C ASN A 286 -29.59 -6.06 -22.73
N ASP A 287 -28.30 -5.72 -22.78
N ASP A 287 -28.30 -5.71 -22.77
CA ASP A 287 -27.87 -4.34 -23.05
CA ASP A 287 -27.88 -4.31 -22.92
C ASP A 287 -27.81 -4.16 -24.56
C ASP A 287 -28.54 -3.52 -24.08
N LYS A 288 -28.80 -3.43 -25.14
N LYS A 288 -28.35 -3.96 -25.33
CA LYS A 288 -28.93 -3.23 -26.59
CA LYS A 288 -28.81 -3.37 -26.62
C LYS A 288 -27.74 -2.53 -27.23
C LYS A 288 -27.67 -2.59 -27.24
N ALA A 289 -26.99 -1.72 -26.45
CA ALA A 289 -25.80 -0.99 -26.95
C ALA A 289 -24.70 -1.97 -27.34
N GLN A 290 -24.69 -3.17 -26.73
CA GLN A 290 -23.74 -4.27 -26.98
C GLN A 290 -24.26 -5.38 -27.90
N THR A 291 -25.49 -5.23 -28.40
CA THR A 291 -26.18 -6.26 -29.19
C THR A 291 -26.30 -5.92 -30.68
N LEU A 292 -26.15 -6.97 -31.52
CA LEU A 292 -26.38 -6.90 -32.95
C LEU A 292 -27.38 -8.00 -33.33
N VAL A 293 -28.21 -7.73 -34.36
CA VAL A 293 -29.14 -8.72 -34.88
C VAL A 293 -28.92 -8.77 -36.42
N VAL A 294 -28.81 -10.00 -36.98
CA VAL A 294 -28.65 -10.20 -38.42
C VAL A 294 -30.08 -10.28 -39.01
N GLU A 295 -30.41 -9.33 -39.88
CA GLU A 295 -31.74 -9.22 -40.46
C GLU A 295 -32.00 -10.27 -41.51
N LYS A 296 -33.27 -10.65 -41.63
CA LYS A 296 -33.70 -11.66 -42.58
C LYS A 296 -33.77 -11.04 -43.99
N PRO A 297 -33.70 -11.87 -45.05
CA PRO A 297 -33.76 -11.32 -46.42
C PRO A 297 -34.89 -10.33 -46.74
CA CA B . 25.27 7.51 53.87
CA CA C . -20.57 -7.83 -43.84
CA CA D . 16.08 -0.91 6.51
CA CA E . -2.54 -6.54 1.79
#